data_5ZG8
#
_entry.id   5ZG8
#
_cell.length_a   67.294
_cell.length_b   67.294
_cell.length_c   189.117
_cell.angle_alpha   90.000
_cell.angle_beta   90.000
_cell.angle_gamma   120.000
#
_symmetry.space_group_name_H-M   'P 31 2 1'
#
loop_
_entity.id
_entity.type
_entity.pdbx_description
1 polymer 'Asparagine--tRNA ligase'
2 water water
#
_entity_poly.entity_id   1
_entity_poly.type   'polypeptide(L)'
_entity_poly.pdbx_seq_one_letter_code
;MRVFIDEIARHVDQEVELRGWLYQRRSKGKIHFLILRDGTGFLQATVVQGEVPEAVFREADHLPQETALRVWGRVREDRR
APGGFELAVRDLQVVSRPQGEYPIGPKEHGIDFLMDHRHLWLRHRRPFAVMRIRDELERAIHEFFGERGFLRFDAPILTP
SAVEGTTELFEVELFDGEKAYLSQSGQLYAEAGALAFAKVYTFGPTFRAERSKTRRHLLEFWMVEPEVAFMTHEENMALQ
EELVSFLVARVLERRSRELEMLGRDPKALEPAAEGHYPRLTYKEAVALVNRIAQEDPEVPPLPYGEDFGAPHEAALSRRF
DRPVFVERYPARIKAFYMEPDPEDPELVLNDDLLAPEGYGEIIGGSQRIHDLELLRRKIQEFGLPEEVYDWYLDLRRFGS
VPHSGFGLGLERTVAWICGLAHVREAIPFPRMYTRMRP
;
_entity_poly.pdbx_strand_id   A
#
# COMPACT_ATOMS: atom_id res chain seq x y z
N MET A 1 4.81 -35.27 4.85
CA MET A 1 4.57 -34.48 3.67
C MET A 1 5.15 -33.09 3.82
N ARG A 2 5.50 -32.45 2.73
CA ARG A 2 6.01 -31.11 2.74
C ARG A 2 4.86 -30.16 3.01
N VAL A 3 5.05 -29.25 3.96
CA VAL A 3 4.06 -28.23 4.29
C VAL A 3 4.73 -26.86 4.42
N PHE A 4 3.92 -25.80 4.47
CA PHE A 4 4.43 -24.46 4.68
C PHE A 4 4.10 -23.99 6.09
N ILE A 5 4.99 -23.19 6.66
CA ILE A 5 4.79 -22.69 8.01
C ILE A 5 3.40 -22.08 8.18
N ASP A 6 2.92 -21.35 7.16
CA ASP A 6 1.63 -20.67 7.20
CA ASP A 6 1.64 -20.67 7.31
C ASP A 6 0.46 -21.64 7.43
N GLU A 7 0.66 -22.92 7.08
CA GLU A 7 -0.43 -23.89 7.20
C GLU A 7 -0.18 -24.88 8.35
N ILE A 8 0.84 -24.58 9.16
CA ILE A 8 1.33 -25.53 10.17
C ILE A 8 0.23 -26.00 11.14
N ALA A 9 -0.73 -25.13 11.45
CA ALA A 9 -1.81 -25.45 12.40
C ALA A 9 -2.69 -26.58 11.91
N ARG A 10 -2.73 -26.80 10.60
CA ARG A 10 -3.57 -27.87 10.05
C ARG A 10 -2.87 -29.21 10.15
N HIS A 11 -1.64 -29.21 10.67
CA HIS A 11 -0.89 -30.45 10.63
C HIS A 11 -0.36 -30.90 12.01
N VAL A 12 -1.03 -30.43 13.08
CA VAL A 12 -0.66 -30.80 14.44
C VAL A 12 -0.51 -32.31 14.62
N ASP A 13 0.61 -32.70 15.23
CA ASP A 13 0.96 -34.08 15.58
C ASP A 13 1.19 -35.00 14.39
N GLN A 14 1.34 -34.42 13.20
CA GLN A 14 1.82 -35.17 12.04
C GLN A 14 3.32 -35.03 11.82
N GLU A 15 3.90 -36.00 11.11
CA GLU A 15 5.26 -35.88 10.63
C GLU A 15 5.26 -35.08 9.34
N VAL A 16 6.01 -33.98 9.31
CA VAL A 16 6.09 -33.16 8.11
C VAL A 16 7.52 -32.79 7.74
N GLU A 17 7.64 -32.18 6.56
CA GLU A 17 8.90 -31.62 6.08
C GLU A 17 8.75 -30.12 5.84
N LEU A 18 9.74 -29.37 6.30
CA LEU A 18 9.83 -27.95 5.96
C LEU A 18 11.05 -27.69 5.06
N ARG A 19 10.93 -26.74 4.13
CA ARG A 19 12.08 -26.32 3.33
C ARG A 19 12.24 -24.82 3.45
N GLY A 20 13.39 -24.37 3.92
CA GLY A 20 13.55 -22.95 4.11
C GLY A 20 14.93 -22.57 4.63
N TRP A 21 14.95 -21.64 5.57
CA TRP A 21 16.21 -21.02 5.95
C TRP A 21 16.37 -20.84 7.45
N LEU A 22 17.60 -20.90 7.92
CA LEU A 22 17.90 -20.60 9.31
C LEU A 22 17.80 -19.09 9.52
N TYR A 23 16.77 -18.66 10.23
CA TYR A 23 16.62 -17.22 10.48
C TYR A 23 17.37 -16.85 11.75
N GLN A 24 17.09 -17.58 12.82
CA GLN A 24 17.81 -17.37 14.08
C GLN A 24 18.10 -18.70 14.76
N ARG A 25 18.97 -18.65 15.76
CA ARG A 25 19.39 -19.84 16.48
C ARG A 25 19.81 -19.44 17.89
N ARG A 26 19.38 -20.21 18.89
CA ARG A 26 19.91 -20.08 20.25
C ARG A 26 19.91 -21.48 20.88
N SER A 27 20.66 -21.69 21.96
CA SER A 27 20.61 -22.99 22.63
C SER A 27 20.45 -22.83 24.13
N LYS A 28 19.74 -23.76 24.76
CA LYS A 28 19.75 -23.83 26.23
C LYS A 28 19.77 -25.29 26.66
N GLY A 29 20.72 -25.64 27.51
CA GLY A 29 20.90 -27.01 27.95
C GLY A 29 20.93 -27.93 26.73
N LYS A 30 20.06 -28.92 26.71
CA LYS A 30 20.16 -29.92 25.67
C LYS A 30 19.26 -29.64 24.49
N ILE A 31 18.75 -28.41 24.40
CA ILE A 31 17.93 -28.09 23.26
C ILE A 31 18.54 -26.96 22.44
N HIS A 32 18.65 -27.22 21.14
CA HIS A 32 18.84 -26.15 20.16
C HIS A 32 17.49 -25.65 19.71
N PHE A 33 17.25 -24.35 19.85
CA PHE A 33 16.06 -23.70 19.32
C PHE A 33 16.42 -22.97 18.03
N LEU A 34 15.91 -23.48 16.92
CA LEU A 34 16.06 -22.82 15.65
C LEU A 34 14.82 -21.99 15.38
N ILE A 35 14.99 -20.78 14.84
CA ILE A 35 13.86 -20.11 14.19
C ILE A 35 14.07 -20.26 12.68
N LEU A 36 13.15 -20.99 12.06
CA LEU A 36 13.14 -21.21 10.62
C LEU A 36 12.12 -20.30 9.93
N ARG A 37 12.49 -19.76 8.79
CA ARG A 37 11.54 -19.09 7.93
C ARG A 37 11.45 -19.96 6.67
N ASP A 38 10.28 -20.03 6.05
CA ASP A 38 10.18 -20.75 4.80
C ASP A 38 9.55 -19.86 3.74
N GLY A 39 9.42 -18.58 4.10
CA GLY A 39 8.87 -17.61 3.17
C GLY A 39 7.42 -17.29 3.49
N THR A 40 6.77 -18.18 4.23
CA THR A 40 5.36 -17.99 4.56
C THR A 40 5.20 -17.77 6.07
N GLY A 41 6.32 -17.76 6.78
CA GLY A 41 6.28 -17.51 8.21
C GLY A 41 7.57 -17.82 8.93
N PHE A 42 7.49 -17.81 10.25
CA PHE A 42 8.63 -18.02 11.13
C PHE A 42 8.18 -19.01 12.19
N LEU A 43 8.99 -20.03 12.43
CA LEU A 43 8.58 -21.16 13.24
C LEU A 43 9.75 -21.71 14.06
N GLN A 44 9.48 -21.94 15.34
CA GLN A 44 10.48 -22.56 16.20
C GLN A 44 10.60 -24.06 15.92
N ALA A 45 11.83 -24.53 15.74
CA ALA A 45 12.12 -25.94 15.59
C ALA A 45 13.10 -26.33 16.68
N THR A 46 12.77 -27.37 17.45
CA THR A 46 13.64 -27.79 18.53
C THR A 46 14.39 -29.08 18.15
N VAL A 47 15.65 -29.11 18.55
CA VAL A 47 16.49 -30.27 18.34
C VAL A 47 16.98 -30.67 19.71
N VAL A 48 16.57 -31.84 20.17
CA VAL A 48 16.77 -32.22 21.55
C VAL A 48 17.84 -33.27 21.69
N GLN A 49 18.93 -32.90 22.37
CA GLN A 49 20.04 -33.82 22.57
C GLN A 49 19.58 -35.05 23.31
N GLY A 50 19.95 -36.21 22.80
CA GLY A 50 19.55 -37.46 23.41
C GLY A 50 18.28 -38.04 22.83
N GLU A 51 17.52 -37.24 22.09
CA GLU A 51 16.27 -37.70 21.48
C GLU A 51 16.33 -37.67 19.96
N VAL A 52 17.41 -37.14 19.44
CA VAL A 52 17.73 -37.16 18.03
C VAL A 52 19.13 -37.72 17.99
N PRO A 53 19.52 -38.29 16.85
CA PRO A 53 20.89 -38.77 16.70
C PRO A 53 21.89 -37.65 16.96
N GLU A 54 23.03 -37.98 17.56
CA GLU A 54 24.00 -36.98 17.94
C GLU A 54 24.46 -36.16 16.72
N ALA A 55 24.54 -36.81 15.57
CA ALA A 55 24.95 -36.13 14.34
C ALA A 55 24.01 -35.00 13.99
N VAL A 56 22.72 -35.21 14.23
CA VAL A 56 21.72 -34.21 13.90
C VAL A 56 21.83 -33.02 14.87
N PHE A 57 22.01 -33.31 16.15
CA PHE A 57 22.21 -32.26 17.17
C PHE A 57 23.45 -31.41 16.85
N ARG A 58 24.53 -32.10 16.51
CA ARG A 58 25.75 -31.41 16.19
C ARG A 58 25.61 -30.64 14.88
N GLU A 59 24.93 -31.19 13.88
CA GLU A 59 24.76 -30.47 12.63
C GLU A 59 23.97 -29.20 12.89
N ALA A 60 23.02 -29.26 13.83
CA ALA A 60 22.18 -28.10 14.11
C ALA A 60 22.88 -27.06 15.00
N ASP A 61 23.98 -27.46 15.63
CA ASP A 61 24.92 -26.51 16.26
C ASP A 61 25.54 -25.56 15.25
N HIS A 62 25.58 -26.04 14.02
CA HIS A 62 26.52 -25.64 12.96
C HIS A 62 25.92 -24.90 11.76
N LEU A 63 25.07 -23.93 12.07
CA LEU A 63 24.20 -23.29 11.08
C LEU A 63 24.16 -21.74 11.13
N PRO A 64 24.95 -21.08 10.26
CA PRO A 64 24.92 -19.61 10.17
C PRO A 64 23.58 -19.13 9.60
N GLN A 65 23.28 -17.84 9.81
CA GLN A 65 22.05 -17.24 9.31
C GLN A 65 21.97 -17.37 7.79
N GLU A 66 20.78 -17.66 7.29
CA GLU A 66 20.49 -17.89 5.87
C GLU A 66 21.15 -19.14 5.26
N THR A 67 21.56 -20.07 6.11
CA THR A 67 21.72 -21.47 5.70
C THR A 67 20.38 -21.98 5.15
N ALA A 68 20.39 -22.55 3.94
CA ALA A 68 19.24 -23.22 3.38
C ALA A 68 19.22 -24.69 3.82
N LEU A 69 18.01 -25.15 4.10
CA LEU A 69 17.72 -26.23 5.03
C LEU A 69 16.50 -27.01 4.63
N ARG A 70 16.54 -28.34 4.76
CA ARG A 70 15.31 -29.14 4.81
C ARG A 70 15.24 -29.78 6.18
N VAL A 71 14.10 -29.68 6.84
CA VAL A 71 13.99 -30.25 8.16
C VAL A 71 12.75 -31.16 8.25
N TRP A 72 12.87 -32.26 8.98
CA TRP A 72 11.76 -33.22 9.16
C TRP A 72 11.42 -33.37 10.64
N GLY A 73 10.15 -33.32 10.99
CA GLY A 73 9.83 -33.49 12.41
C GLY A 73 8.34 -33.56 12.67
N ARG A 74 7.96 -33.58 13.94
CA ARG A 74 6.54 -33.65 14.30
CA ARG A 74 6.54 -33.65 14.30
C ARG A 74 6.01 -32.27 14.73
N VAL A 75 4.89 -31.85 14.15
CA VAL A 75 4.28 -30.61 14.54
C VAL A 75 3.68 -30.70 15.94
N ARG A 76 4.11 -29.83 16.83
CA ARG A 76 3.63 -29.79 18.20
C ARG A 76 2.88 -28.51 18.44
N GLU A 77 1.78 -28.62 19.18
CA GLU A 77 1.04 -27.47 19.67
C GLU A 77 1.61 -27.14 21.04
N ASP A 78 1.84 -25.85 21.29
CA ASP A 78 2.61 -25.42 22.46
C ASP A 78 2.59 -23.89 22.58
N ARG A 79 1.94 -23.38 23.61
CA ARG A 79 1.74 -21.94 23.69
C ARG A 79 3.01 -21.26 24.20
N ARG A 80 3.90 -22.03 24.81
CA ARG A 80 5.22 -21.49 25.14
C ARG A 80 6.02 -21.16 23.86
N ALA A 81 5.70 -21.82 22.75
CA ALA A 81 6.30 -21.50 21.45
C ALA A 81 5.67 -20.24 20.85
N PRO A 82 6.51 -19.39 20.26
CA PRO A 82 6.05 -18.17 19.59
C PRO A 82 5.33 -18.65 18.36
N GLY A 83 4.06 -18.29 18.21
CA GLY A 83 3.29 -18.79 17.08
C GLY A 83 2.24 -19.71 17.67
N GLY A 84 2.57 -20.40 18.75
CA GLY A 84 1.68 -21.41 19.29
C GLY A 84 2.01 -22.82 18.82
N PHE A 85 2.98 -22.94 17.92
CA PHE A 85 3.41 -24.25 17.43
C PHE A 85 4.91 -24.32 17.27
N GLU A 86 5.45 -25.53 17.33
CA GLU A 86 6.87 -25.72 17.04
C GLU A 86 7.05 -27.04 16.32
N LEU A 87 8.17 -27.20 15.63
CA LEU A 87 8.55 -28.47 15.03
C LEU A 87 9.51 -29.22 15.94
N ALA A 88 9.10 -30.39 16.43
CA ALA A 88 10.03 -31.27 17.12
C ALA A 88 10.84 -32.03 16.07
N VAL A 89 12.07 -31.57 15.86
CA VAL A 89 12.91 -32.05 14.77
C VAL A 89 13.42 -33.48 14.95
N ARG A 90 13.40 -34.25 13.87
CA ARG A 90 13.87 -35.61 13.87
C ARG A 90 15.08 -35.76 12.93
N ASP A 91 15.05 -35.05 11.82
CA ASP A 91 16.16 -35.08 10.87
C ASP A 91 16.27 -33.71 10.19
N LEU A 92 17.44 -33.41 9.62
CA LEU A 92 17.73 -32.10 9.07
C LEU A 92 18.78 -32.23 7.97
N GLN A 93 18.60 -31.50 6.88
CA GLN A 93 19.56 -31.55 5.80
C GLN A 93 19.89 -30.16 5.25
N VAL A 94 21.16 -29.82 5.29
CA VAL A 94 21.63 -28.56 4.76
C VAL A 94 21.58 -28.57 3.23
N VAL A 95 20.87 -27.60 2.65
CA VAL A 95 20.84 -27.47 1.21
C VAL A 95 21.95 -26.53 0.73
N SER A 96 22.24 -25.49 1.50
CA SER A 96 23.37 -24.63 1.13
C SER A 96 23.79 -23.75 2.28
N ARG A 97 25.01 -23.26 2.20
CA ARG A 97 25.57 -22.38 3.23
CA ARG A 97 25.58 -22.37 3.23
C ARG A 97 25.96 -21.04 2.60
N PRO A 98 25.97 -19.96 3.41
CA PRO A 98 26.35 -18.65 2.87
C PRO A 98 27.80 -18.60 2.38
N GLN A 99 28.03 -18.01 1.22
CA GLN A 99 29.37 -17.79 0.71
C GLN A 99 29.78 -16.37 1.08
N GLY A 100 30.35 -16.25 2.27
CA GLY A 100 30.63 -14.95 2.84
C GLY A 100 29.79 -14.76 4.09
N GLU A 101 29.93 -13.60 4.72
CA GLU A 101 29.13 -13.33 5.90
C GLU A 101 27.86 -12.67 5.44
N TYR A 102 26.72 -13.14 5.96
CA TYR A 102 25.44 -12.53 5.66
C TYR A 102 25.47 -11.12 6.27
N PRO A 103 25.15 -10.10 5.45
CA PRO A 103 25.29 -8.67 5.83
C PRO A 103 24.28 -8.14 6.85
N ILE A 104 23.23 -8.90 7.21
CA ILE A 104 22.18 -8.38 8.10
C ILE A 104 21.92 -9.23 9.35
N GLY A 105 22.74 -9.05 10.38
CA GLY A 105 22.49 -9.68 11.66
C GLY A 105 21.36 -8.96 12.37
N PRO A 106 20.65 -9.69 13.24
CA PRO A 106 19.45 -9.23 13.95
C PRO A 106 19.64 -7.99 14.82
N LYS A 107 18.70 -7.03 14.71
CA LYS A 107 18.63 -5.87 15.60
C LYS A 107 19.89 -4.99 15.59
N GLU A 108 20.43 -4.74 14.41
CA GLU A 108 21.74 -4.11 14.32
C GLU A 108 21.75 -2.77 13.59
N HIS A 109 21.35 -2.81 12.32
CA HIS A 109 21.63 -1.77 11.37
C HIS A 109 20.57 -0.66 11.28
N GLY A 110 20.96 0.47 10.70
CA GLY A 110 20.05 1.57 10.42
C GLY A 110 19.28 1.35 9.13
N ILE A 111 18.18 2.07 8.98
CA ILE A 111 17.21 1.77 7.93
C ILE A 111 17.80 1.88 6.51
N ASP A 112 18.69 2.84 6.29
CA ASP A 112 19.27 3.06 4.98
C ASP A 112 20.21 1.93 4.55
N PHE A 113 20.98 1.40 5.51
CA PHE A 113 21.80 0.23 5.25
C PHE A 113 20.92 -0.95 4.84
N LEU A 114 19.81 -1.09 5.53
CA LEU A 114 18.89 -2.17 5.27
C LEU A 114 18.23 -2.02 3.88
N MET A 115 17.84 -0.81 3.51
CA MET A 115 17.29 -0.53 2.18
C MET A 115 18.33 -0.65 1.06
N ASP A 116 19.61 -0.43 1.37
CA ASP A 116 20.67 -0.69 0.40
C ASP A 116 20.82 -2.18 0.16
N HIS A 117 20.29 -2.97 1.08
CA HIS A 117 20.38 -4.43 1.00
C HIS A 117 18.98 -5.02 0.88
N ARG A 118 18.10 -4.24 0.25
CA ARG A 118 16.67 -4.52 0.16
C ARG A 118 16.36 -5.93 -0.35
N HIS A 119 17.14 -6.39 -1.33
CA HIS A 119 16.92 -7.70 -1.94
C HIS A 119 17.15 -8.86 -0.96
N LEU A 120 17.91 -8.60 0.11
CA LEU A 120 18.08 -9.56 1.20
C LEU A 120 17.19 -9.21 2.37
N TRP A 121 17.07 -7.91 2.62
CA TRP A 121 16.30 -7.45 3.76
C TRP A 121 14.82 -7.86 3.66
N LEU A 122 14.31 -8.03 2.45
CA LEU A 122 12.92 -8.47 2.26
C LEU A 122 12.59 -9.80 2.98
N ARG A 123 13.61 -10.60 3.27
CA ARG A 123 13.42 -11.88 3.95
C ARG A 123 13.04 -11.75 5.43
N HIS A 124 13.34 -10.61 6.04
CA HIS A 124 13.21 -10.46 7.50
C HIS A 124 11.79 -10.16 7.95
N ARG A 125 11.56 -10.29 9.26
CA ARG A 125 10.22 -10.19 9.83
CA ARG A 125 10.22 -10.18 9.84
C ARG A 125 9.42 -8.93 9.43
N ARG A 126 10.04 -7.74 9.55
CA ARG A 126 9.27 -6.53 9.30
C ARG A 126 8.89 -6.32 7.82
N PRO A 127 9.86 -6.49 6.90
CA PRO A 127 9.43 -6.41 5.49
C PRO A 127 8.50 -7.55 5.10
N PHE A 128 8.68 -8.72 5.69
CA PHE A 128 7.74 -9.83 5.53
C PHE A 128 6.30 -9.38 5.86
N ALA A 129 6.14 -8.78 7.02
CA ALA A 129 4.84 -8.31 7.44
C ALA A 129 4.29 -7.22 6.48
N VAL A 130 5.14 -6.26 6.12
CA VAL A 130 4.70 -5.20 5.20
C VAL A 130 4.22 -5.78 3.85
N MET A 131 5.04 -6.62 3.22
CA MET A 131 4.68 -7.21 1.94
C MET A 131 3.46 -8.11 2.02
N ARG A 132 3.27 -8.79 3.13
CA ARG A 132 2.08 -9.62 3.21
C ARG A 132 0.80 -8.76 3.36
N ILE A 133 0.96 -7.60 4.00
CA ILE A 133 -0.16 -6.70 4.13
C ILE A 133 -0.45 -6.03 2.75
N ARG A 134 0.60 -5.63 2.05
CA ARG A 134 0.45 -5.16 0.68
C ARG A 134 -0.28 -6.18 -0.21
N ASP A 135 0.15 -7.45 -0.15
CA ASP A 135 -0.53 -8.50 -0.92
C ASP A 135 -2.00 -8.62 -0.54
N GLU A 136 -2.25 -8.56 0.76
CA GLU A 136 -3.61 -8.65 1.29
C GLU A 136 -4.47 -7.52 0.70
N LEU A 137 -3.91 -6.30 0.63
CA LEU A 137 -4.62 -5.16 0.08
C LEU A 137 -4.87 -5.31 -1.40
N GLU A 138 -3.88 -5.77 -2.17
CA GLU A 138 -4.09 -5.89 -3.62
C GLU A 138 -5.17 -6.95 -3.96
N ARG A 139 -5.09 -8.09 -3.27
CA ARG A 139 -6.13 -9.10 -3.43
C ARG A 139 -7.49 -8.55 -3.02
N ALA A 140 -7.54 -7.82 -1.90
CA ALA A 140 -8.82 -7.35 -1.39
C ALA A 140 -9.41 -6.28 -2.29
N ILE A 141 -8.57 -5.50 -2.96
CA ILE A 141 -9.05 -4.52 -3.91
C ILE A 141 -9.73 -5.26 -5.05
N HIS A 142 -9.05 -6.28 -5.59
CA HIS A 142 -9.75 -7.04 -6.67
C HIS A 142 -11.04 -7.70 -6.20
N GLU A 143 -11.11 -8.15 -4.95
CA GLU A 143 -12.35 -8.76 -4.48
C GLU A 143 -13.46 -7.70 -4.28
N PHE A 144 -13.09 -6.55 -3.73
CA PHE A 144 -14.03 -5.49 -3.45
C PHE A 144 -14.67 -5.04 -4.73
N PHE A 145 -13.86 -4.81 -5.76
CA PHE A 145 -14.47 -4.29 -6.98
C PHE A 145 -15.10 -5.39 -7.83
N GLY A 146 -14.54 -6.58 -7.77
CA GLY A 146 -15.15 -7.71 -8.45
C GLY A 146 -16.55 -8.03 -7.93
N GLU A 147 -16.73 -7.96 -6.62
CA GLU A 147 -18.02 -8.32 -6.04
C GLU A 147 -19.09 -7.25 -6.26
N ARG A 148 -18.66 -6.05 -6.63
CA ARG A 148 -19.59 -4.95 -6.91
C ARG A 148 -19.83 -4.77 -8.42
N GLY A 149 -19.28 -5.70 -9.23
CA GLY A 149 -19.46 -5.65 -10.67
C GLY A 149 -18.56 -4.67 -11.41
N PHE A 150 -17.57 -4.09 -10.71
CA PHE A 150 -16.56 -3.31 -11.40
C PHE A 150 -15.69 -4.20 -12.28
N LEU A 151 -15.29 -3.66 -13.43
CA LEU A 151 -14.36 -4.34 -14.30
C LEU A 151 -12.96 -3.72 -14.18
N ARG A 152 -11.93 -4.55 -13.98
CA ARG A 152 -10.57 -4.03 -14.04
C ARG A 152 -10.30 -3.62 -15.47
N PHE A 153 -9.70 -2.44 -15.63
CA PHE A 153 -9.55 -1.80 -16.93
C PHE A 153 -8.16 -1.18 -16.97
N ASP A 154 -7.22 -1.84 -17.67
CA ASP A 154 -5.82 -1.42 -17.63
C ASP A 154 -5.55 -0.24 -18.57
N ALA A 155 -5.20 0.88 -17.96
CA ALA A 155 -4.90 2.10 -18.69
C ALA A 155 -3.51 2.00 -19.29
N PRO A 156 -3.29 2.63 -20.45
CA PRO A 156 -1.95 2.61 -21.04
C PRO A 156 -0.90 3.28 -20.13
N ILE A 157 0.36 2.86 -20.23
CA ILE A 157 1.42 3.51 -19.48
C ILE A 157 2.12 4.54 -20.40
N LEU A 158 2.42 4.13 -21.62
CA LEU A 158 2.98 5.06 -22.59
C LEU A 158 1.90 6.01 -23.10
N THR A 159 2.22 7.30 -23.10
CA THR A 159 1.25 8.34 -23.41
C THR A 159 1.84 9.24 -24.49
N PRO A 160 0.99 9.75 -25.38
CA PRO A 160 1.57 10.72 -26.32
C PRO A 160 1.44 12.13 -25.76
N LEU A 169 6.58 15.35 -16.79
CA LEU A 169 6.41 13.95 -17.21
C LEU A 169 7.73 13.35 -17.70
N PHE A 170 7.96 12.07 -17.39
CA PHE A 170 9.16 11.40 -17.85
C PHE A 170 9.04 11.10 -19.34
N GLU A 171 10.09 11.42 -20.09
CA GLU A 171 10.10 11.25 -21.52
C GLU A 171 10.85 10.00 -21.94
N VAL A 172 10.24 9.24 -22.85
CA VAL A 172 10.80 7.99 -23.34
C VAL A 172 11.05 8.12 -24.82
N GLU A 173 12.23 7.71 -25.26
CA GLU A 173 12.57 7.75 -26.68
C GLU A 173 12.11 6.46 -27.35
N LEU A 174 11.36 6.57 -28.43
CA LEU A 174 10.96 5.42 -29.21
C LEU A 174 11.84 5.30 -30.46
N PHE A 175 11.59 4.27 -31.26
CA PHE A 175 12.29 4.09 -32.54
C PHE A 175 12.17 5.37 -33.38
N ASP A 176 13.12 5.58 -34.29
CA ASP A 176 13.24 6.84 -35.01
C ASP A 176 13.31 7.99 -34.01
N GLY A 177 12.68 9.11 -34.33
CA GLY A 177 12.72 10.28 -33.45
C GLY A 177 11.53 10.39 -32.50
N GLU A 178 10.60 9.45 -32.58
CA GLU A 178 9.35 9.52 -31.84
C GLU A 178 9.53 9.45 -30.31
N LYS A 179 8.69 10.21 -29.59
CA LYS A 179 8.77 10.30 -28.13
C LYS A 179 7.44 10.07 -27.41
N ALA A 180 7.49 9.32 -26.30
CA ALA A 180 6.30 9.12 -25.48
C ALA A 180 6.59 9.50 -24.03
N TYR A 181 5.58 9.38 -23.17
CA TYR A 181 5.67 9.89 -21.80
C TYR A 181 5.01 8.93 -20.83
N LEU A 182 5.68 8.65 -19.73
CA LEU A 182 5.12 7.74 -18.73
C LEU A 182 3.90 8.35 -18.06
N SER A 183 2.81 7.59 -18.02
CA SER A 183 1.55 8.02 -17.43
C SER A 183 1.69 8.47 -15.99
N GLN A 184 1.06 9.58 -15.64
CA GLN A 184 1.02 10.03 -14.26
C GLN A 184 -0.29 9.62 -13.60
N SER A 185 -1.19 9.03 -14.41
CA SER A 185 -2.56 8.70 -14.01
C SER A 185 -3.29 8.12 -15.19
N GLY A 186 -4.05 7.04 -14.94
CA GLY A 186 -4.86 6.44 -15.99
C GLY A 186 -6.28 6.98 -16.11
N GLN A 187 -6.58 8.05 -15.35
CA GLN A 187 -7.95 8.54 -15.24
C GLN A 187 -8.64 8.85 -16.56
N LEU A 188 -7.97 9.58 -17.46
CA LEU A 188 -8.65 9.99 -18.68
C LEU A 188 -9.13 8.77 -19.46
N TYR A 189 -8.30 7.72 -19.49
CA TYR A 189 -8.65 6.51 -20.20
C TYR A 189 -9.72 5.73 -19.44
N ALA A 190 -9.61 5.80 -18.12
CA ALA A 190 -10.57 5.16 -17.25
C ALA A 190 -11.96 5.73 -17.49
N GLU A 191 -12.07 7.01 -17.86
CA GLU A 191 -13.37 7.60 -18.14
C GLU A 191 -14.02 6.97 -19.38
N ALA A 192 -13.23 6.77 -20.43
CA ALA A 192 -13.71 6.04 -21.60
C ALA A 192 -14.22 4.67 -21.14
N GLY A 193 -13.39 4.00 -20.33
CA GLY A 193 -13.77 2.76 -19.71
C GLY A 193 -15.11 2.78 -18.97
N ALA A 194 -15.32 3.81 -18.15
CA ALA A 194 -16.54 3.94 -17.37
C ALA A 194 -17.74 4.10 -18.29
N LEU A 195 -17.55 4.84 -19.38
CA LEU A 195 -18.64 5.05 -20.33
C LEU A 195 -18.93 3.76 -21.12
N ALA A 196 -17.94 2.88 -21.21
CA ALA A 196 -18.18 1.58 -21.86
C ALA A 196 -18.67 0.45 -20.90
N PHE A 197 -18.32 0.52 -19.62
CA PHE A 197 -18.52 -0.62 -18.72
C PHE A 197 -19.15 -0.22 -17.38
N ALA A 198 -19.63 1.02 -17.31
CA ALA A 198 -20.35 1.57 -16.14
C ALA A 198 -19.46 1.81 -14.93
N LYS A 199 -18.68 0.80 -14.56
CA LYS A 199 -17.85 0.91 -13.37
C LYS A 199 -16.56 0.14 -13.58
N VAL A 200 -15.46 0.87 -13.52
CA VAL A 200 -14.15 0.31 -13.81
C VAL A 200 -13.08 0.77 -12.81
N TYR A 201 -11.94 0.11 -12.84
CA TYR A 201 -10.80 0.56 -12.08
C TYR A 201 -9.51 0.16 -12.78
N THR A 202 -8.57 1.10 -12.85
CA THR A 202 -7.20 0.76 -13.20
C THR A 202 -6.50 0.28 -11.95
N PHE A 203 -5.47 -0.52 -12.14
CA PHE A 203 -4.64 -1.01 -11.04
C PHE A 203 -3.26 -1.07 -11.65
N GLY A 204 -2.54 0.03 -11.64
CA GLY A 204 -1.27 0.01 -12.35
C GLY A 204 -0.28 1.04 -11.87
N PRO A 205 0.95 0.95 -12.38
CA PRO A 205 2.02 1.89 -12.05
C PRO A 205 1.76 3.27 -12.67
N THR A 206 2.16 4.31 -11.96
CA THR A 206 2.17 5.67 -12.48
C THR A 206 3.50 6.29 -12.04
N PHE A 207 3.88 7.38 -12.68
CA PHE A 207 5.20 7.98 -12.51
C PHE A 207 5.09 9.48 -12.31
N ARG A 208 5.78 10.02 -11.31
CA ARG A 208 5.67 11.44 -10.97
C ARG A 208 6.91 12.24 -11.31
N HIS A 217 10.30 11.84 -2.77
CA HIS A 217 9.65 10.57 -2.57
C HIS A 217 9.77 9.68 -3.81
N LEU A 218 8.78 8.83 -4.02
CA LEU A 218 8.87 7.81 -5.07
C LEU A 218 8.68 8.35 -6.48
N LEU A 219 9.57 7.99 -7.39
CA LEU A 219 9.38 8.27 -8.82
C LEU A 219 8.27 7.42 -9.44
N GLU A 220 8.09 6.22 -8.87
CA GLU A 220 7.23 5.18 -9.42
C GLU A 220 6.30 4.65 -8.32
N PHE A 221 4.99 4.61 -8.56
CA PHE A 221 4.10 4.05 -7.52
C PHE A 221 2.85 3.42 -8.11
N TRP A 222 2.06 2.78 -7.25
CA TRP A 222 0.90 2.04 -7.75
C TRP A 222 -0.41 2.71 -7.38
N MET A 223 -1.28 2.83 -8.38
CA MET A 223 -2.56 3.51 -8.23
C MET A 223 -3.74 2.67 -8.67
N VAL A 224 -4.70 2.57 -7.77
CA VAL A 224 -5.98 2.04 -8.14
C VAL A 224 -6.88 3.23 -8.48
N GLU A 225 -7.41 3.28 -9.71
CA GLU A 225 -8.22 4.43 -10.11
C GLU A 225 -9.58 4.00 -10.63
N PRO A 226 -10.60 4.00 -9.75
CA PRO A 226 -11.98 3.75 -10.16
C PRO A 226 -12.65 4.94 -10.83
N GLU A 227 -13.48 4.64 -11.83
CA GLU A 227 -14.34 5.61 -12.51
C GLU A 227 -15.72 4.98 -12.65
N VAL A 228 -16.74 5.77 -12.38
CA VAL A 228 -18.11 5.29 -12.42
C VAL A 228 -19.04 6.24 -13.17
N ALA A 229 -19.76 5.66 -14.11
CA ALA A 229 -20.76 6.33 -14.93
C ALA A 229 -21.99 6.64 -14.10
N PHE A 230 -22.54 7.85 -14.28
CA PHE A 230 -23.72 8.34 -13.56
C PHE A 230 -23.45 8.65 -12.08
N MET A 231 -22.23 8.44 -11.63
CA MET A 231 -21.88 8.70 -10.22
C MET A 231 -21.52 10.17 -9.97
N THR A 232 -22.05 10.70 -8.87
CA THR A 232 -21.82 12.07 -8.44
C THR A 232 -20.70 12.20 -7.44
N HIS A 233 -20.25 13.43 -7.25
CA HIS A 233 -19.35 13.83 -6.18
C HIS A 233 -19.62 13.15 -4.82
N GLU A 234 -20.85 13.26 -4.34
CA GLU A 234 -21.17 12.72 -3.02
C GLU A 234 -21.07 11.19 -2.98
N GLU A 235 -21.59 10.56 -4.02
CA GLU A 235 -21.50 9.11 -4.14
C GLU A 235 -20.04 8.69 -4.26
N ASN A 236 -19.25 9.52 -4.92
CA ASN A 236 -17.82 9.30 -5.08
C ASN A 236 -17.12 9.22 -3.71
N MET A 237 -17.41 10.21 -2.86
CA MET A 237 -16.85 10.16 -1.53
C MET A 237 -17.36 8.94 -0.74
N ALA A 238 -18.65 8.63 -0.85
CA ALA A 238 -19.19 7.42 -0.19
C ALA A 238 -18.46 6.13 -0.60
N LEU A 239 -18.14 6.03 -1.89
CA LEU A 239 -17.44 4.87 -2.45
C LEU A 239 -16.02 4.81 -1.89
N GLN A 240 -15.35 5.96 -1.87
CA GLN A 240 -14.02 6.05 -1.27
C GLN A 240 -13.98 5.56 0.19
N GLU A 241 -14.92 6.08 1.00
CA GLU A 241 -15.02 5.68 2.40
C GLU A 241 -15.27 4.19 2.54
N GLU A 242 -16.21 3.69 1.74
CA GLU A 242 -16.58 2.27 1.76
C GLU A 242 -15.34 1.38 1.51
N LEU A 243 -14.57 1.75 0.47
CA LEU A 243 -13.37 1.02 0.09
C LEU A 243 -12.30 1.06 1.19
N VAL A 244 -11.95 2.25 1.65
CA VAL A 244 -10.86 2.35 2.63
C VAL A 244 -11.22 1.60 3.92
N SER A 245 -12.47 1.74 4.37
CA SER A 245 -12.83 1.11 5.63
C SER A 245 -12.88 -0.39 5.46
N PHE A 246 -13.29 -0.85 4.29
CA PHE A 246 -13.24 -2.27 4.00
C PHE A 246 -11.79 -2.81 4.04
N LEU A 247 -10.88 -2.07 3.42
CA LEU A 247 -9.50 -2.51 3.38
C LEU A 247 -8.87 -2.57 4.79
N VAL A 248 -9.07 -1.51 5.58
CA VAL A 248 -8.57 -1.54 6.96
C VAL A 248 -9.20 -2.72 7.73
N ALA A 249 -10.50 -2.93 7.58
CA ALA A 249 -11.17 -4.04 8.26
C ALA A 249 -10.55 -5.38 7.87
N ARG A 250 -10.22 -5.50 6.60
CA ARG A 250 -9.71 -6.74 6.04
C ARG A 250 -8.29 -7.02 6.56
N VAL A 251 -7.47 -5.98 6.67
CA VAL A 251 -6.15 -6.17 7.25
C VAL A 251 -6.25 -6.51 8.75
N LEU A 252 -7.12 -5.81 9.46
CA LEU A 252 -7.35 -6.11 10.87
C LEU A 252 -7.77 -7.57 11.09
N GLU A 253 -8.63 -8.06 10.21
CA GLU A 253 -9.18 -9.38 10.39
C GLU A 253 -8.19 -10.47 9.97
N ARG A 254 -7.42 -10.24 8.90
CA ARG A 254 -6.63 -11.33 8.33
C ARG A 254 -5.14 -11.20 8.49
N ARG A 255 -4.67 -10.01 8.86
CA ARG A 255 -3.25 -9.77 9.02
C ARG A 255 -2.92 -9.22 10.41
N SER A 256 -3.65 -9.69 11.43
CA SER A 256 -3.42 -9.20 12.79
C SER A 256 -2.04 -9.65 13.31
N ARG A 257 -1.60 -10.82 12.86
CA ARG A 257 -0.26 -11.29 13.20
C ARG A 257 0.81 -10.35 12.61
N GLU A 258 0.63 -9.95 11.35
CA GLU A 258 1.60 -9.07 10.69
C GLU A 258 1.61 -7.70 11.35
N LEU A 259 0.43 -7.22 11.70
CA LEU A 259 0.31 -5.98 12.45
C LEU A 259 1.08 -6.10 13.76
N GLU A 260 0.96 -7.24 14.43
CA GLU A 260 1.65 -7.44 15.70
C GLU A 260 3.18 -7.47 15.51
N MET A 261 3.65 -8.15 14.46
CA MET A 261 5.08 -8.18 14.11
C MET A 261 5.59 -6.77 13.83
N LEU A 262 4.70 -5.89 13.35
CA LEU A 262 5.11 -4.53 13.06
C LEU A 262 5.07 -3.64 14.31
N GLY A 263 4.47 -4.14 15.38
CA GLY A 263 4.26 -3.31 16.56
C GLY A 263 3.22 -2.22 16.31
N ARG A 264 2.28 -2.51 15.42
CA ARG A 264 1.22 -1.56 15.04
C ARG A 264 0.02 -1.69 15.95
N ASP A 265 -0.35 -0.60 16.60
CA ASP A 265 -1.52 -0.61 17.48
C ASP A 265 -2.82 -0.70 16.68
N PRO A 266 -3.58 -1.81 16.83
CA PRO A 266 -4.86 -1.99 16.11
C PRO A 266 -5.84 -0.89 16.43
N LYS A 267 -5.73 -0.33 17.64
CA LYS A 267 -6.62 0.74 18.06
C LYS A 267 -6.45 2.00 17.21
N ALA A 268 -5.27 2.20 16.62
CA ALA A 268 -5.07 3.33 15.72
C ALA A 268 -5.79 3.12 14.38
N LEU A 269 -6.21 1.88 14.12
CA LEU A 269 -6.80 1.55 12.83
C LEU A 269 -8.32 1.27 12.89
N GLU A 270 -8.79 0.85 14.06
CA GLU A 270 -10.20 0.52 14.27
C GLU A 270 -11.17 1.67 13.89
N PRO A 271 -10.89 2.93 14.25
CA PRO A 271 -11.84 3.96 13.77
C PRO A 271 -11.98 3.98 12.24
N ALA A 272 -10.88 3.87 11.51
CA ALA A 272 -10.94 3.83 10.05
C ALA A 272 -11.82 2.67 9.58
N ALA A 273 -11.77 1.55 10.28
CA ALA A 273 -12.53 0.40 9.85
C ALA A 273 -14.02 0.64 10.00
N GLU A 274 -14.43 1.61 10.81
CA GLU A 274 -15.87 1.71 11.05
C GLU A 274 -16.56 2.77 10.18
N GLY A 275 -15.80 3.55 9.42
CA GLY A 275 -16.39 4.55 8.55
C GLY A 275 -16.78 5.81 9.29
N HIS A 276 -17.84 6.47 8.81
CA HIS A 276 -18.29 7.75 9.34
C HIS A 276 -17.15 8.74 9.33
N TYR A 277 -16.42 8.78 8.23
CA TYR A 277 -15.28 9.67 8.13
C TYR A 277 -15.77 11.11 8.15
N PRO A 278 -15.11 11.95 8.94
CA PRO A 278 -15.45 13.37 8.96
C PRO A 278 -15.17 14.02 7.62
N ARG A 279 -15.98 15.01 7.25
CA ARG A 279 -15.71 15.75 6.04
CA ARG A 279 -15.76 15.75 6.02
C ARG A 279 -15.55 17.24 6.31
N LEU A 280 -14.72 17.90 5.51
CA LEU A 280 -14.52 19.34 5.59
C LEU A 280 -14.52 19.97 4.19
N THR A 281 -15.12 21.14 4.03
CA THR A 281 -14.90 21.87 2.79
C THR A 281 -13.49 22.44 2.86
N TYR A 282 -12.96 22.81 1.70
CA TYR A 282 -11.67 23.47 1.65
C TYR A 282 -11.67 24.70 2.58
N LYS A 283 -12.67 25.55 2.46
CA LYS A 283 -12.78 26.75 3.30
C LYS A 283 -12.75 26.43 4.81
N GLU A 284 -13.50 25.41 5.20
CA GLU A 284 -13.52 24.95 6.58
C GLU A 284 -12.14 24.42 6.98
N ALA A 285 -11.50 23.67 6.09
CA ALA A 285 -10.17 23.11 6.39
C ALA A 285 -9.14 24.22 6.60
N VAL A 286 -9.13 25.21 5.71
CA VAL A 286 -8.27 26.38 5.88
C VAL A 286 -8.51 27.07 7.21
N ALA A 287 -9.79 27.37 7.52
CA ALA A 287 -10.11 28.01 8.80
C ALA A 287 -9.61 27.19 10.01
N LEU A 288 -9.74 25.87 9.91
CA LEU A 288 -9.32 24.97 10.97
C LEU A 288 -7.80 25.01 11.15
N VAL A 289 -7.10 24.85 10.04
CA VAL A 289 -5.65 24.89 10.02
C VAL A 289 -5.16 26.20 10.62
N ASN A 290 -5.80 27.31 10.24
CA ASN A 290 -5.36 28.59 10.77
C ASN A 290 -5.71 28.79 12.24
N ARG A 291 -6.76 28.12 12.73
CA ARG A 291 -6.99 28.10 14.18
C ARG A 291 -5.90 27.30 14.89
N ILE A 292 -5.51 26.18 14.30
CA ILE A 292 -4.47 25.33 14.85
C ILE A 292 -3.14 26.08 14.90
N ALA A 293 -2.85 26.84 13.85
CA ALA A 293 -1.58 27.54 13.68
C ALA A 293 -1.33 28.60 14.73
N GLN A 294 -2.41 29.11 15.33
CA GLN A 294 -2.30 30.13 16.36
C GLN A 294 -1.88 29.56 17.72
N GLU A 295 -2.46 28.42 18.10
CA GLU A 295 -2.15 27.80 19.38
C GLU A 295 -0.89 26.95 19.31
N ASP A 296 -0.34 26.82 18.11
CA ASP A 296 0.75 25.85 17.86
C ASP A 296 1.91 26.48 17.10
N PRO A 297 3.09 26.53 17.73
CA PRO A 297 4.31 27.14 17.15
C PRO A 297 4.84 26.36 15.96
N GLU A 298 4.55 25.06 15.90
CA GLU A 298 5.06 24.20 14.85
C GLU A 298 4.12 24.03 13.65
N VAL A 299 3.08 24.86 13.58
CA VAL A 299 2.17 24.84 12.43
C VAL A 299 2.05 26.25 11.92
N PRO A 300 2.50 26.48 10.67
CA PRO A 300 2.47 27.81 10.09
C PRO A 300 1.08 28.15 9.57
N PRO A 301 0.76 29.45 9.47
CA PRO A 301 -0.50 29.92 8.88
C PRO A 301 -0.69 29.46 7.43
N LEU A 302 -1.93 29.51 6.95
CA LEU A 302 -2.25 29.12 5.58
C LEU A 302 -3.14 30.14 4.88
N PRO A 303 -2.56 30.92 3.96
CA PRO A 303 -3.38 31.93 3.26
C PRO A 303 -4.48 31.26 2.45
N TYR A 304 -5.65 31.86 2.41
CA TYR A 304 -6.74 31.29 1.64
C TYR A 304 -6.36 31.26 0.16
N GLY A 305 -6.67 30.16 -0.52
CA GLY A 305 -6.41 30.05 -1.94
C GLY A 305 -5.21 29.18 -2.27
N GLU A 306 -4.34 28.96 -1.30
CA GLU A 306 -3.21 28.06 -1.49
C GLU A 306 -3.56 26.61 -1.15
N ASP A 307 -2.88 25.68 -1.83
CA ASP A 307 -2.99 24.28 -1.50
C ASP A 307 -2.33 24.04 -0.15
N PHE A 308 -2.71 22.97 0.52
CA PHE A 308 -2.17 22.67 1.85
C PHE A 308 -0.69 22.31 1.81
N GLY A 309 0.14 23.09 2.50
CA GLY A 309 1.52 22.71 2.71
C GLY A 309 1.61 21.45 3.56
N ALA A 310 2.76 20.78 3.51
CA ALA A 310 3.01 19.56 4.31
C ALA A 310 2.65 19.71 5.80
N PRO A 311 3.08 20.81 6.46
CA PRO A 311 2.66 20.94 7.86
C PRO A 311 1.15 21.08 8.02
N HIS A 312 0.50 21.74 7.06
CA HIS A 312 -0.95 21.94 7.11
C HIS A 312 -1.68 20.62 6.98
N GLU A 313 -1.24 19.85 5.99
CA GLU A 313 -1.77 18.51 5.73
C GLU A 313 -1.62 17.66 6.99
N ALA A 314 -0.41 17.69 7.56
CA ALA A 314 -0.12 16.92 8.77
C ALA A 314 -1.00 17.33 9.94
N ALA A 315 -1.15 18.64 10.14
CA ALA A 315 -1.99 19.17 11.23
C ALA A 315 -3.45 18.78 11.06
N LEU A 316 -3.96 18.79 9.83
CA LEU A 316 -5.33 18.32 9.56
C LEU A 316 -5.47 16.83 9.86
N SER A 317 -4.48 16.08 9.41
CA SER A 317 -4.46 14.64 9.55
C SER A 317 -4.44 14.19 11.02
N ARG A 318 -3.66 14.91 11.83
CA ARG A 318 -3.50 14.60 13.25
CA ARG A 318 -3.53 14.57 13.24
C ARG A 318 -4.68 15.10 14.08
N ARG A 319 -5.60 15.82 13.44
CA ARG A 319 -6.75 16.34 14.16
C ARG A 319 -7.80 15.27 14.40
N PHE A 320 -7.82 14.25 13.53
CA PHE A 320 -8.89 13.27 13.55
C PHE A 320 -8.39 11.87 13.82
N ASP A 321 -9.29 10.97 14.18
CA ASP A 321 -8.91 9.62 14.59
C ASP A 321 -9.05 8.63 13.45
N ARG A 322 -9.60 9.10 12.33
CA ARG A 322 -9.79 8.27 11.15
C ARG A 322 -9.58 9.17 9.94
N PRO A 323 -9.58 8.61 8.71
CA PRO A 323 -9.39 9.48 7.55
C PRO A 323 -10.38 10.65 7.45
N VAL A 324 -9.91 11.82 7.02
CA VAL A 324 -10.76 12.97 6.86
C VAL A 324 -10.83 13.45 5.38
N PHE A 325 -12.04 13.70 4.90
CA PHE A 325 -12.23 14.24 3.56
C PHE A 325 -12.10 15.76 3.52
N VAL A 326 -11.44 16.28 2.49
CA VAL A 326 -11.45 17.71 2.22
C VAL A 326 -11.98 17.89 0.80
N GLU A 327 -13.04 18.66 0.65
CA GLU A 327 -13.74 18.75 -0.63
C GLU A 327 -13.96 20.20 -1.08
N ARG A 328 -14.11 20.38 -2.38
CA ARG A 328 -14.51 21.67 -2.98
C ARG A 328 -13.44 22.74 -2.86
N TYR A 329 -12.27 22.41 -3.42
CA TYR A 329 -11.14 23.31 -3.52
C TYR A 329 -11.42 24.39 -4.55
N PRO A 330 -10.62 25.48 -4.53
CA PRO A 330 -10.65 26.45 -5.63
C PRO A 330 -10.25 25.85 -6.98
N ALA A 331 -11.05 26.12 -8.00
CA ALA A 331 -10.75 25.75 -9.38
C ALA A 331 -9.31 26.09 -9.78
N ARG A 332 -8.86 27.27 -9.37
CA ARG A 332 -7.56 27.81 -9.75
C ARG A 332 -6.39 26.87 -9.39
N ILE A 333 -6.57 26.01 -8.40
CA ILE A 333 -5.45 25.14 -8.05
C ILE A 333 -5.73 23.66 -8.34
N LYS A 334 -6.79 23.39 -9.09
CA LYS A 334 -7.10 22.02 -9.49
C LYS A 334 -7.10 21.88 -11.00
N ALA A 335 -7.57 20.74 -11.49
CA ALA A 335 -7.34 20.36 -12.88
C ALA A 335 -8.44 20.83 -13.80
N PHE A 336 -8.15 20.79 -15.10
CA PHE A 336 -9.10 21.28 -16.10
C PHE A 336 -10.40 20.45 -16.18
N TYR A 337 -10.33 19.16 -15.88
CA TYR A 337 -11.47 18.24 -16.11
C TYR A 337 -12.53 18.26 -15.01
N MET A 338 -12.24 18.94 -13.91
CA MET A 338 -13.11 18.84 -12.75
C MET A 338 -14.39 19.68 -12.86
N GLU A 339 -15.50 19.06 -12.49
CA GLU A 339 -16.80 19.69 -12.54
C GLU A 339 -16.84 20.90 -11.59
N PRO A 340 -17.34 22.04 -12.10
CA PRO A 340 -17.51 23.22 -11.22
C PRO A 340 -18.62 23.01 -10.19
N ASP A 341 -18.40 23.52 -8.98
CA ASP A 341 -19.42 23.60 -7.97
C ASP A 341 -20.58 24.45 -8.50
N PRO A 342 -21.78 23.85 -8.63
CA PRO A 342 -22.95 24.54 -9.16
C PRO A 342 -23.41 25.74 -8.32
N GLU A 343 -23.17 25.70 -7.01
CA GLU A 343 -23.56 26.80 -6.16
C GLU A 343 -22.38 27.71 -5.85
N ASP A 344 -21.23 27.44 -6.45
CA ASP A 344 -20.06 28.25 -6.18
C ASP A 344 -19.00 28.14 -7.28
N PRO A 345 -19.03 29.09 -8.21
CA PRO A 345 -18.28 29.04 -9.46
C PRO A 345 -16.76 28.95 -9.32
N GLU A 346 -16.21 29.48 -8.24
CA GLU A 346 -14.79 29.47 -7.98
C GLU A 346 -14.27 28.13 -7.49
N LEU A 347 -15.13 27.29 -7.04
CA LEU A 347 -14.81 25.97 -6.49
C LEU A 347 -15.09 24.84 -7.50
N VAL A 348 -14.41 23.71 -7.35
CA VAL A 348 -14.77 22.51 -8.13
C VAL A 348 -15.22 21.39 -7.20
N LEU A 349 -15.92 20.41 -7.76
CA LEU A 349 -16.39 19.29 -6.97
C LEU A 349 -15.33 18.19 -6.87
N ASN A 350 -14.34 18.42 -6.01
CA ASN A 350 -13.28 17.44 -5.85
C ASN A 350 -13.15 17.04 -4.39
N ASP A 351 -12.33 16.03 -4.13
CA ASP A 351 -12.05 15.68 -2.75
C ASP A 351 -10.70 15.01 -2.64
N ASP A 352 -10.03 15.26 -1.52
CA ASP A 352 -8.84 14.53 -1.11
C ASP A 352 -9.15 13.85 0.21
N LEU A 353 -8.82 12.57 0.32
CA LEU A 353 -8.94 11.86 1.58
C LEU A 353 -7.57 11.77 2.30
N LEU A 354 -7.51 12.28 3.53
CA LEU A 354 -6.30 12.27 4.33
C LEU A 354 -6.33 11.16 5.37
N ALA A 355 -5.29 10.34 5.40
CA ALA A 355 -5.10 9.38 6.47
C ALA A 355 -4.66 10.14 7.72
N PRO A 356 -5.03 9.61 8.90
CA PRO A 356 -4.70 10.21 10.20
C PRO A 356 -3.24 9.95 10.56
N GLU A 357 -2.86 10.33 11.79
CA GLU A 357 -1.50 10.13 12.32
C GLU A 357 -0.40 10.78 11.47
N GLY A 358 -0.75 11.82 10.73
CA GLY A 358 0.22 12.52 9.90
C GLY A 358 0.57 11.84 8.59
N TYR A 359 -0.15 10.79 8.20
CA TYR A 359 0.16 10.16 6.91
C TYR A 359 -0.40 10.94 5.72
N GLY A 360 -1.49 11.69 5.91
CA GLY A 360 -1.92 12.57 4.82
C GLY A 360 -2.52 11.83 3.63
N GLU A 361 -2.46 12.45 2.44
CA GLU A 361 -3.36 12.06 1.34
C GLU A 361 -3.17 10.64 0.78
N ILE A 362 -4.23 9.84 0.83
CA ILE A 362 -4.20 8.50 0.23
C ILE A 362 -5.13 8.38 -0.99
N ILE A 363 -6.06 9.33 -1.13
CA ILE A 363 -6.99 9.37 -2.25
C ILE A 363 -7.18 10.78 -2.78
N GLY A 364 -7.16 10.92 -4.10
CA GLY A 364 -7.54 12.16 -4.74
C GLY A 364 -8.63 11.88 -5.77
N GLY A 365 -9.72 12.65 -5.77
CA GLY A 365 -10.81 12.36 -6.70
C GLY A 365 -11.68 13.54 -7.08
N SER A 366 -12.54 13.35 -8.08
CA SER A 366 -13.55 14.37 -8.38
C SER A 366 -14.65 13.90 -9.30
N GLN A 367 -15.69 14.71 -9.36
CA GLN A 367 -16.67 14.63 -10.43
C GLN A 367 -16.07 15.31 -11.68
N ARG A 368 -16.27 14.69 -12.85
CA ARG A 368 -15.73 15.23 -14.09
C ARG A 368 -16.77 16.01 -14.88
N ILE A 369 -16.31 16.95 -15.69
CA ILE A 369 -17.19 17.68 -16.59
C ILE A 369 -17.84 16.76 -17.63
N HIS A 370 -19.16 16.86 -17.79
CA HIS A 370 -19.87 16.05 -18.78
C HIS A 370 -20.44 16.92 -19.90
N ASP A 371 -20.44 18.24 -19.69
CA ASP A 371 -20.92 19.16 -20.73
C ASP A 371 -19.81 19.46 -21.74
N LEU A 372 -20.12 19.27 -23.02
CA LEU A 372 -19.14 19.41 -24.10
C LEU A 372 -18.47 20.78 -24.16
N GLU A 373 -19.28 21.84 -24.25
CA GLU A 373 -18.73 23.18 -24.42
C GLU A 373 -17.95 23.66 -23.19
N LEU A 374 -18.48 23.36 -22.00
CA LEU A 374 -17.76 23.66 -20.77
C LEU A 374 -16.35 23.05 -20.81
N LEU A 375 -16.27 21.80 -21.26
CA LEU A 375 -14.97 21.15 -21.33
C LEU A 375 -14.08 21.79 -22.40
N ARG A 376 -14.64 22.16 -23.55
CA ARG A 376 -13.84 22.90 -24.54
C ARG A 376 -13.24 24.19 -23.94
N ARG A 377 -14.09 25.01 -23.32
CA ARG A 377 -13.59 26.26 -22.77
CA ARG A 377 -13.69 26.25 -22.66
C ARG A 377 -12.62 26.02 -21.60
N LYS A 378 -12.78 24.94 -20.84
CA LYS A 378 -11.81 24.67 -19.78
C LYS A 378 -10.47 24.27 -20.39
N ILE A 379 -10.51 23.43 -21.41
CA ILE A 379 -9.30 23.01 -22.12
C ILE A 379 -8.58 24.24 -22.66
N GLN A 380 -9.33 25.25 -23.10
CA GLN A 380 -8.64 26.49 -23.49
C GLN A 380 -8.14 27.32 -22.29
N GLU A 381 -9.01 27.70 -21.36
CA GLU A 381 -8.62 28.48 -20.19
C GLU A 381 -7.36 27.95 -19.51
N PHE A 382 -7.17 26.64 -19.54
CA PHE A 382 -5.99 26.02 -18.97
C PHE A 382 -4.84 25.97 -19.98
N GLY A 383 -4.98 26.70 -21.07
CA GLY A 383 -3.95 26.75 -22.10
C GLY A 383 -3.48 25.40 -22.61
N LEU A 384 -4.42 24.54 -23.00
CA LEU A 384 -4.09 23.19 -23.49
C LEU A 384 -4.38 23.01 -24.98
N PRO A 385 -3.61 22.17 -25.65
CA PRO A 385 -3.77 21.92 -27.10
C PRO A 385 -4.99 21.06 -27.38
N GLU A 386 -6.02 21.65 -27.99
CA GLU A 386 -7.31 20.98 -28.10
C GLU A 386 -7.23 19.67 -28.88
N GLU A 387 -6.40 19.66 -29.93
CA GLU A 387 -6.29 18.50 -30.81
C GLU A 387 -5.98 17.20 -30.04
N VAL A 388 -4.96 17.23 -29.18
CA VAL A 388 -4.56 16.04 -28.45
C VAL A 388 -5.68 15.52 -27.52
N TYR A 389 -6.62 16.39 -27.18
CA TYR A 389 -7.68 15.94 -26.29
C TYR A 389 -8.98 15.64 -27.03
N ASP A 390 -8.94 15.60 -28.35
CA ASP A 390 -10.19 15.43 -29.09
C ASP A 390 -10.95 14.14 -28.69
N TRP A 391 -10.23 13.03 -28.52
CA TRP A 391 -10.89 11.76 -28.18
C TRP A 391 -11.58 11.93 -26.83
N TYR A 392 -10.94 12.68 -25.95
CA TYR A 392 -11.49 12.90 -24.63
C TYR A 392 -12.78 13.70 -24.78
N LEU A 393 -12.75 14.66 -25.70
CA LEU A 393 -13.93 15.45 -26.00
C LEU A 393 -15.01 14.58 -26.61
N ASP A 394 -14.63 13.52 -27.34
CA ASP A 394 -15.64 12.62 -27.92
C ASP A 394 -16.47 12.02 -26.79
N LEU A 395 -15.86 11.84 -25.62
CA LEU A 395 -16.62 11.24 -24.52
C LEU A 395 -17.76 12.11 -24.03
N ARG A 396 -17.76 13.37 -24.49
CA ARG A 396 -18.82 14.31 -24.15
C ARG A 396 -19.76 14.47 -25.34
N ARG A 397 -19.24 14.24 -26.55
CA ARG A 397 -20.08 14.32 -27.74
C ARG A 397 -21.05 13.18 -27.75
N PHE A 398 -20.59 12.01 -27.33
CA PHE A 398 -21.37 10.81 -27.49
C PHE A 398 -21.59 10.05 -26.19
N GLY A 399 -22.83 10.12 -25.69
CA GLY A 399 -23.27 9.32 -24.57
C GLY A 399 -22.83 9.91 -23.26
N SER A 400 -22.57 11.21 -23.28
CA SER A 400 -22.08 11.90 -22.09
C SER A 400 -23.05 11.78 -20.92
N VAL A 401 -22.51 11.39 -19.77
CA VAL A 401 -23.31 11.33 -18.55
C VAL A 401 -22.41 11.90 -17.47
N PRO A 402 -23.00 12.41 -16.39
CA PRO A 402 -22.19 12.80 -15.22
C PRO A 402 -21.42 11.59 -14.75
N HIS A 403 -20.15 11.74 -14.42
CA HIS A 403 -19.39 10.61 -13.89
C HIS A 403 -18.29 11.09 -12.97
N SER A 404 -17.80 10.20 -12.13
CA SER A 404 -16.81 10.61 -11.14
C SER A 404 -15.80 9.51 -10.93
N GLY A 405 -14.67 9.85 -10.34
CA GLY A 405 -13.72 8.82 -10.01
C GLY A 405 -12.66 9.30 -9.05
N PHE A 406 -11.69 8.44 -8.81
CA PHE A 406 -10.62 8.80 -7.89
C PHE A 406 -9.44 7.88 -8.04
N GLY A 407 -8.33 8.25 -7.40
CA GLY A 407 -7.14 7.42 -7.40
C GLY A 407 -6.64 7.24 -5.98
N LEU A 408 -6.47 5.96 -5.60
CA LEU A 408 -5.90 5.54 -4.33
C LEU A 408 -4.43 5.16 -4.53
N GLY A 409 -3.56 5.86 -3.80
CA GLY A 409 -2.13 5.54 -3.80
C GLY A 409 -1.86 4.35 -2.90
N LEU A 410 -1.39 3.26 -3.50
CA LEU A 410 -1.24 2.01 -2.76
C LEU A 410 -0.16 2.13 -1.68
N GLU A 411 0.99 2.71 -2.03
CA GLU A 411 2.12 2.78 -1.11
C GLU A 411 1.84 3.66 0.11
N ARG A 412 1.14 4.78 -0.07
CA ARG A 412 0.87 5.63 1.07
C ARG A 412 -0.12 4.95 2.00
N THR A 413 -1.04 4.20 1.42
CA THR A 413 -2.03 3.45 2.17
C THR A 413 -1.40 2.31 2.98
N VAL A 414 -0.47 1.59 2.35
CA VAL A 414 0.30 0.55 3.04
C VAL A 414 1.11 1.16 4.16
N ALA A 415 1.76 2.26 3.85
CA ALA A 415 2.63 2.91 4.83
C ALA A 415 1.84 3.30 6.05
N TRP A 416 0.64 3.83 5.81
CA TRP A 416 -0.22 4.24 6.90
C TRP A 416 -0.70 3.04 7.73
N ILE A 417 -1.22 2.02 7.05
CA ILE A 417 -1.74 0.86 7.76
C ILE A 417 -0.64 0.15 8.59
N CYS A 418 0.56 0.06 8.04
CA CYS A 418 1.68 -0.62 8.67
C CYS A 418 2.42 0.26 9.67
N GLY A 419 2.17 1.57 9.61
CA GLY A 419 2.82 2.51 10.50
C GLY A 419 4.28 2.74 10.14
N LEU A 420 4.58 2.77 8.86
CA LEU A 420 5.96 2.92 8.40
C LEU A 420 6.42 4.38 8.47
N ALA A 421 7.74 4.60 8.47
CA ALA A 421 8.30 5.94 8.60
C ALA A 421 8.45 6.57 7.24
N HIS A 422 8.51 5.74 6.19
CA HIS A 422 8.60 6.27 4.84
C HIS A 422 7.98 5.32 3.83
N VAL A 423 7.39 5.88 2.76
CA VAL A 423 6.67 5.07 1.78
C VAL A 423 7.55 4.10 1.03
N ARG A 424 8.85 4.38 1.00
CA ARG A 424 9.76 3.51 0.25
C ARG A 424 9.76 2.10 0.85
N GLU A 425 9.36 2.00 2.12
CA GLU A 425 9.30 0.70 2.78
C GLU A 425 8.08 -0.11 2.37
N ALA A 426 7.17 0.52 1.64
CA ALA A 426 5.87 -0.07 1.33
C ALA A 426 5.87 -0.80 -0.01
N ILE A 427 6.97 -0.68 -0.75
CA ILE A 427 7.06 -1.26 -2.08
C ILE A 427 8.34 -2.07 -2.13
N PRO A 428 8.32 -3.22 -2.85
CA PRO A 428 9.48 -4.11 -2.82
C PRO A 428 10.80 -3.43 -3.19
N PHE A 429 10.84 -2.72 -4.31
CA PHE A 429 12.07 -2.09 -4.76
C PHE A 429 11.83 -0.65 -5.18
N PRO A 430 11.87 0.27 -4.21
CA PRO A 430 11.49 1.66 -4.50
C PRO A 430 12.43 2.38 -5.45
N ARG A 431 11.86 3.25 -6.28
CA ARG A 431 12.63 4.11 -7.17
C ARG A 431 12.47 5.56 -6.76
N MET A 432 13.58 6.14 -6.29
CA MET A 432 13.60 7.56 -5.93
C MET A 432 14.72 8.26 -6.64
N TYR A 433 14.63 9.59 -6.74
CA TYR A 433 15.62 10.37 -7.47
C TYR A 433 17.03 10.01 -7.01
N THR A 434 17.18 9.70 -5.73
CA THR A 434 18.47 9.28 -5.18
C THR A 434 18.74 7.77 -5.36
N ARG A 435 17.87 6.90 -4.84
CA ARG A 435 18.14 5.46 -4.94
C ARG A 435 17.29 4.80 -6.04
N MET A 436 18.01 4.23 -7.01
CA MET A 436 17.44 3.59 -8.19
C MET A 436 17.87 2.14 -8.25
N ARG A 437 18.46 1.69 -7.14
CA ARG A 437 19.00 0.35 -7.04
C ARG A 437 18.40 -0.36 -5.83
N PRO A 438 18.40 -1.71 -5.83
CA PRO A 438 18.87 -2.67 -6.85
C PRO A 438 18.11 -2.64 -8.18
#